data_9HTR
#
_entry.id   9HTR
#
_cell.length_a   57.131
_cell.length_b   57.131
_cell.length_c   117.774
_cell.angle_alpha   90.000
_cell.angle_beta   90.000
_cell.angle_gamma   90.000
#
_symmetry.space_group_name_H-M   'P 43 21 2'
#
loop_
_entity.id
_entity.type
_entity.pdbx_description
1 polymer 'Peptidyl-prolyl cis-trans isomerase F, mitochondrial'
2 non-polymer 1-[(1~{S})-2-[2-(2-bromophenyl)pyrazolidin-1-yl]-2-oxidanylidene-1-phenyl-ethyl]-3-[[(1~{R},9~{R},10~{S})-10-oxidanyl-12-oxa-8-azatricyclo[7.3.1.0^{2,7}]trideca-2(7),3,5-trien-4-yl]methyl]urea
3 water water
#
_entity_poly.entity_id   1
_entity_poly.type   'polypeptide(L)'
_entity_poly.pdbx_seq_one_letter_code
;MGNPLVYLDVDANGKPLGRVVLELKADVVPKTAENFRALCTGEKGFGYKGSTFHRVIPSFMCQAGDFTNHNGTGGKSIYG
SRFPDENFTLKHVGPGVLSMANAGPNTNGSQFFICTIKTDWLDGKHVVFGHVIEGMDVVKKIESFGSKSGRTSKKIVITD
CGQLS
;
_entity_poly.pdbx_strand_id   A
#
# COMPACT_ATOMS: atom_id res chain seq x y z
N GLY A 2 -0.44 6.96 19.97
CA GLY A 2 0.60 6.23 19.26
C GLY A 2 0.26 5.97 17.81
N ASN A 3 1.26 5.57 17.02
CA ASN A 3 1.08 5.25 15.60
C ASN A 3 0.83 3.75 15.42
N PRO A 4 -0.13 3.37 14.58
CA PRO A 4 -0.39 1.94 14.37
C PRO A 4 0.77 1.24 13.70
N LEU A 5 1.07 0.03 14.18
CA LEU A 5 1.86 -0.96 13.46
C LEU A 5 0.91 -1.97 12.85
N VAL A 6 0.94 -2.11 11.52
CA VAL A 6 0.14 -3.08 10.81
C VAL A 6 1.08 -3.99 10.01
N TYR A 7 0.51 -5.04 9.42
CA TYR A 7 1.31 -6.00 8.70
C TYR A 7 0.55 -6.51 7.49
N LEU A 8 1.31 -6.93 6.48
CA LEU A 8 0.79 -7.66 5.32
C LEU A 8 1.62 -8.93 5.14
N ASP A 9 0.94 -10.07 5.10
CA ASP A 9 1.56 -11.35 4.76
C ASP A 9 1.33 -11.62 3.28
N VAL A 10 2.42 -11.76 2.53
CA VAL A 10 2.37 -11.77 1.07
C VAL A 10 2.91 -13.09 0.55
N ASP A 11 2.22 -13.64 -0.45
CA ASP A 11 2.62 -14.89 -1.08
C ASP A 11 2.73 -14.68 -2.59
N ALA A 12 3.48 -15.56 -3.24
CA ALA A 12 3.60 -15.59 -4.69
C ALA A 12 3.20 -16.98 -5.17
N ASN A 13 2.14 -17.05 -5.97
CA ASN A 13 1.58 -18.31 -6.45
C ASN A 13 1.44 -19.33 -5.32
N GLY A 14 0.82 -18.90 -4.23
CA GLY A 14 0.60 -19.75 -3.09
C GLY A 14 1.77 -19.88 -2.13
N LYS A 15 2.96 -19.41 -2.50
CA LYS A 15 4.07 -19.67 -1.60
C LYS A 15 4.45 -18.43 -0.82
N PRO A 16 4.57 -18.52 0.49
CA PRO A 16 4.74 -17.31 1.31
C PRO A 16 6.09 -16.65 1.09
N LEU A 17 6.08 -15.31 1.05
CA LEU A 17 7.28 -14.51 0.91
C LEU A 17 7.72 -13.84 2.20
N GLY A 18 6.89 -13.85 3.23
CA GLY A 18 7.19 -13.18 4.48
C GLY A 18 6.20 -12.09 4.79
N ARG A 19 6.55 -11.27 5.76
CA ARG A 19 5.66 -10.24 6.31
C ARG A 19 6.28 -8.86 6.11
N VAL A 20 5.44 -7.89 5.75
CA VAL A 20 5.82 -6.49 5.69
C VAL A 20 5.12 -5.78 6.83
N VAL A 21 5.90 -5.21 7.75
CA VAL A 21 5.37 -4.43 8.87
C VAL A 21 5.46 -2.95 8.53
N LEU A 22 4.35 -2.22 8.69
CA LEU A 22 4.25 -0.83 8.29
C LEU A 22 3.87 0.02 9.50
N GLU A 23 4.56 1.15 9.67
CA GLU A 23 4.13 2.18 10.61
C GLU A 23 3.23 3.15 9.88
N LEU A 24 2.07 3.44 10.45
CA LEU A 24 1.13 4.40 9.89
C LEU A 24 1.23 5.69 10.68
N LYS A 25 1.54 6.79 9.99
CA LYS A 25 1.86 8.06 10.64
C LYS A 25 0.57 8.82 10.97
N ALA A 26 -0.20 8.25 11.89
CA ALA A 26 -1.42 8.90 12.36
C ALA A 26 -1.12 10.26 12.99
N ASP A 27 0.11 10.46 13.48
CA ASP A 27 0.48 11.76 14.03
C ASP A 27 0.48 12.86 12.97
N VAL A 28 0.62 12.52 11.70
CA VAL A 28 0.69 13.50 10.63
C VAL A 28 -0.53 13.45 9.72
N VAL A 29 -0.98 12.24 9.36
CA VAL A 29 -2.14 12.06 8.50
C VAL A 29 -3.10 11.09 9.18
N PRO A 30 -3.81 11.51 10.23
CA PRO A 30 -4.67 10.56 10.96
C PRO A 30 -5.77 9.94 10.11
N LYS A 31 -6.42 10.71 9.25
CA LYS A 31 -7.52 10.14 8.47
C LYS A 31 -7.01 9.11 7.48
N THR A 32 -5.87 9.38 6.83
CA THR A 32 -5.32 8.42 5.88
C THR A 32 -4.78 7.19 6.58
N ALA A 33 -4.08 7.37 7.70
CA ALA A 33 -3.60 6.24 8.49
C ALA A 33 -4.76 5.36 8.94
N GLU A 34 -5.81 5.97 9.50
CA GLU A 34 -6.94 5.20 10.02
C GLU A 34 -7.62 4.41 8.91
N ASN A 35 -7.73 4.99 7.72
CA ASN A 35 -8.30 4.26 6.59
C ASN A 35 -7.51 2.98 6.31
N PHE A 36 -6.20 3.11 6.18
CA PHE A 36 -5.36 1.95 5.88
C PHE A 36 -5.42 0.93 7.01
N ARG A 37 -5.34 1.40 8.27
CA ARG A 37 -5.42 0.51 9.43
C ARG A 37 -6.69 -0.34 9.40
N ALA A 38 -7.84 0.31 9.30
CA ALA A 38 -9.11 -0.41 9.25
C ALA A 38 -9.15 -1.39 8.07
N LEU A 39 -8.59 -0.99 6.93
CA LEU A 39 -8.57 -1.91 5.79
C LEU A 39 -7.64 -3.11 6.03
N CYS A 40 -6.65 -2.98 6.91
CA CYS A 40 -5.82 -4.14 7.25
C CYS A 40 -6.55 -5.10 8.18
N THR A 41 -7.32 -4.59 9.14
CA THR A 41 -8.06 -5.49 10.01
C THR A 41 -9.30 -6.04 9.34
N GLY A 42 -9.82 -5.38 8.30
CA GLY A 42 -11.08 -5.76 7.71
C GLY A 42 -12.28 -5.51 8.57
N GLU A 43 -12.13 -4.66 9.61
CA GLU A 43 -13.16 -4.52 10.62
C GLU A 43 -14.44 -3.88 10.09
N LYS A 44 -14.40 -3.23 8.92
CA LYS A 44 -15.63 -2.69 8.34
C LYS A 44 -16.35 -3.69 7.46
N GLY A 45 -15.79 -4.90 7.28
CA GLY A 45 -16.38 -5.90 6.44
C GLY A 45 -15.80 -5.98 5.04
N PHE A 46 -14.76 -5.20 4.76
CA PHE A 46 -14.01 -5.29 3.51
C PHE A 46 -12.59 -4.79 3.80
N GLY A 47 -11.65 -5.20 2.96
CA GLY A 47 -10.28 -4.78 3.16
C GLY A 47 -9.32 -5.51 2.24
N TYR A 48 -8.04 -5.39 2.57
CA TYR A 48 -6.97 -5.84 1.70
C TYR A 48 -6.80 -7.36 1.65
N LYS A 49 -7.29 -8.09 2.66
CA LYS A 49 -7.08 -9.53 2.69
C LYS A 49 -7.60 -10.18 1.41
N GLY A 50 -6.75 -10.97 0.77
CA GLY A 50 -7.13 -11.65 -0.45
C GLY A 50 -6.87 -10.90 -1.73
N SER A 51 -6.52 -9.61 -1.65
CA SER A 51 -6.29 -8.82 -2.85
C SER A 51 -4.81 -8.84 -3.21
N THR A 52 -4.49 -8.34 -4.41
CA THR A 52 -3.18 -8.57 -5.02
C THR A 52 -2.35 -7.30 -5.10
N PHE A 53 -1.04 -7.50 -5.25
CA PHE A 53 -0.15 -6.48 -5.80
C PHE A 53 -0.25 -6.57 -7.31
N HIS A 54 -1.22 -5.83 -7.88
CA HIS A 54 -1.53 -5.97 -9.29
C HIS A 54 -0.52 -5.29 -10.20
N ARG A 55 0.32 -4.41 -9.66
CA ARG A 55 1.24 -3.62 -10.46
C ARG A 55 2.57 -3.49 -9.72
N VAL A 56 3.64 -4.05 -10.29
CA VAL A 56 4.95 -4.03 -9.67
C VAL A 56 5.97 -3.58 -10.71
N ILE A 57 6.61 -2.44 -10.46
CA ILE A 57 7.62 -1.91 -11.38
C ILE A 57 8.95 -1.87 -10.65
N PRO A 58 9.91 -2.72 -11.02
CA PRO A 58 11.22 -2.70 -10.36
C PRO A 58 11.84 -1.30 -10.40
N SER A 59 12.56 -0.98 -9.32
CA SER A 59 13.24 0.32 -9.17
C SER A 59 12.23 1.47 -9.19
N PHE A 60 11.01 1.21 -8.74
CA PHE A 60 9.99 2.25 -8.64
C PHE A 60 9.13 1.95 -7.41
N MET A 61 8.18 1.04 -7.55
CA MET A 61 7.25 0.78 -6.47
C MET A 61 6.48 -0.50 -6.74
N CYS A 62 5.84 -1.00 -5.67
CA CYS A 62 4.89 -2.10 -5.73
C CYS A 62 3.53 -1.58 -5.28
N GLN A 63 2.50 -1.81 -6.10
CA GLN A 63 1.20 -1.21 -5.90
C GLN A 63 0.15 -2.28 -5.66
N ALA A 64 -0.75 -2.02 -4.71
CA ALA A 64 -1.79 -2.97 -4.31
C ALA A 64 -3.02 -2.18 -3.87
N GLY A 65 -4.05 -2.90 -3.44
CA GLY A 65 -5.17 -2.30 -2.76
C GLY A 65 -6.49 -2.31 -3.49
N ASP A 66 -6.54 -2.77 -4.74
CA ASP A 66 -7.79 -2.81 -5.49
C ASP A 66 -8.51 -4.12 -5.17
N PHE A 67 -9.24 -4.12 -4.06
CA PHE A 67 -9.95 -5.33 -3.64
C PHE A 67 -11.37 -5.40 -4.19
N THR A 68 -11.78 -4.45 -5.01
CA THR A 68 -13.10 -4.52 -5.64
C THR A 68 -13.04 -4.94 -7.11
N ASN A 69 -12.04 -4.44 -7.87
CA ASN A 69 -11.92 -4.79 -9.28
C ASN A 69 -10.66 -5.58 -9.63
N HIS A 70 -9.64 -5.55 -8.78
CA HIS A 70 -8.44 -6.38 -8.92
C HIS A 70 -7.65 -6.07 -10.19
N ASN A 71 -7.77 -4.84 -10.71
CA ASN A 71 -7.06 -4.49 -11.94
C ASN A 71 -6.56 -3.05 -11.94
N GLY A 72 -6.62 -2.35 -10.82
CA GLY A 72 -6.15 -0.99 -10.76
C GLY A 72 -7.20 0.08 -11.00
N THR A 73 -8.43 -0.29 -11.33
CA THR A 73 -9.48 0.71 -11.52
C THR A 73 -10.33 0.96 -10.27
N GLY A 74 -10.31 0.05 -9.30
CA GLY A 74 -11.26 0.11 -8.19
C GLY A 74 -10.64 0.32 -6.82
N GLY A 75 -11.19 -0.35 -5.81
CA GLY A 75 -10.89 -0.07 -4.42
C GLY A 75 -11.78 1.03 -3.86
N LYS A 76 -11.89 1.05 -2.53
CA LYS A 76 -12.70 2.06 -1.87
C LYS A 76 -12.19 2.25 -0.45
N SER A 77 -12.48 3.41 0.11
CA SER A 77 -12.07 3.75 1.46
C SER A 77 -13.18 3.43 2.47
N ILE A 78 -12.80 3.46 3.76
CA ILE A 78 -13.78 3.21 4.79
C ILE A 78 -14.74 4.38 4.92
N TYR A 79 -14.39 5.55 4.40
CA TYR A 79 -15.26 6.71 4.45
C TYR A 79 -16.24 6.78 3.29
N GLY A 80 -15.93 6.11 2.19
CA GLY A 80 -16.73 6.22 0.98
C GLY A 80 -15.88 5.84 -0.21
N SER A 81 -16.38 6.17 -1.39
CA SER A 81 -15.68 5.76 -2.61
C SER A 81 -14.39 6.55 -2.81
N ARG A 82 -14.24 7.70 -2.17
CA ARG A 82 -13.03 8.52 -2.28
C ARG A 82 -13.00 9.51 -1.13
N PHE A 83 -11.81 9.98 -0.80
CA PHE A 83 -11.68 11.00 0.23
C PHE A 83 -10.55 11.94 -0.13
N PRO A 84 -10.52 13.15 0.45
CA PRO A 84 -9.56 14.16 0.00
C PRO A 84 -8.12 13.81 0.33
N ASP A 85 -7.20 14.47 -0.38
CA ASP A 85 -5.81 14.47 0.03
C ASP A 85 -5.69 15.19 1.36
N GLU A 86 -5.26 14.46 2.39
CA GLU A 86 -5.20 15.01 3.74
C GLU A 86 -4.16 16.13 3.82
N ASN A 87 -2.91 15.83 3.46
CA ASN A 87 -1.88 16.84 3.31
C ASN A 87 -0.74 16.19 2.52
N PHE A 88 0.30 16.98 2.28
CA PHE A 88 1.48 16.49 1.58
C PHE A 88 2.74 16.70 2.42
N THR A 89 2.58 16.66 3.73
CA THR A 89 3.68 16.97 4.65
C THR A 89 4.80 15.94 4.54
N LEU A 90 4.47 14.65 4.48
CA LEU A 90 5.48 13.61 4.35
C LEU A 90 5.85 13.40 2.89
N LYS A 91 7.14 13.19 2.63
CA LYS A 91 7.68 13.15 1.28
C LYS A 91 8.17 11.76 0.91
N HIS A 92 8.33 11.54 -0.39
CA HIS A 92 8.82 10.26 -0.92
C HIS A 92 10.35 10.26 -0.85
N VAL A 93 10.87 9.91 0.32
CA VAL A 93 12.29 10.13 0.61
C VAL A 93 13.20 8.97 0.22
N GLY A 94 12.66 7.80 -0.06
CA GLY A 94 13.48 6.65 -0.37
C GLY A 94 12.68 5.35 -0.38
N PRO A 95 13.38 4.21 -0.42
CA PRO A 95 12.69 2.93 -0.38
C PRO A 95 11.90 2.79 0.91
N GLY A 96 10.82 2.01 0.85
CA GLY A 96 10.03 1.73 2.02
C GLY A 96 8.95 2.74 2.33
N VAL A 97 8.88 3.83 1.57
CA VAL A 97 7.84 4.82 1.76
C VAL A 97 6.48 4.24 1.36
N LEU A 98 5.47 4.45 2.20
CA LEU A 98 4.10 4.01 1.97
C LEU A 98 3.23 5.21 1.62
N SER A 99 2.51 5.13 0.50
CA SER A 99 1.87 6.28 -0.10
C SER A 99 0.60 5.83 -0.82
N MET A 100 -0.32 6.79 -1.05
CA MET A 100 -1.61 6.50 -1.68
C MET A 100 -1.54 6.68 -3.20
N ALA A 101 -2.01 5.67 -3.93
CA ALA A 101 -2.32 5.85 -5.33
C ALA A 101 -3.57 6.73 -5.49
N ASN A 102 -3.72 7.33 -6.65
CA ASN A 102 -4.91 8.15 -6.90
C ASN A 102 -5.11 8.31 -8.41
N ALA A 103 -6.21 8.97 -8.76
CA ALA A 103 -6.57 9.30 -10.14
C ALA A 103 -6.71 10.80 -10.30
N GLY A 104 -5.81 11.55 -9.68
CA GLY A 104 -5.89 13.00 -9.64
C GLY A 104 -6.14 13.50 -8.23
N PRO A 105 -6.29 14.81 -8.08
CA PRO A 105 -6.50 15.39 -6.74
C PRO A 105 -7.74 14.82 -6.06
N ASN A 106 -7.59 14.48 -4.78
CA ASN A 106 -8.71 14.14 -3.90
C ASN A 106 -9.48 12.92 -4.40
N THR A 107 -8.74 11.87 -4.78
CA THR A 107 -9.36 10.63 -5.22
C THR A 107 -8.73 9.43 -4.51
N ASN A 108 -8.36 9.62 -3.25
CA ASN A 108 -7.87 8.51 -2.45
C ASN A 108 -8.97 7.50 -2.19
N GLY A 109 -8.62 6.22 -2.30
CA GLY A 109 -9.55 5.15 -1.98
C GLY A 109 -8.92 4.13 -1.05
N SER A 110 -8.51 3.00 -1.62
CA SER A 110 -7.73 2.01 -0.89
C SER A 110 -6.43 1.64 -1.57
N GLN A 111 -6.26 1.93 -2.85
CA GLN A 111 -5.02 1.57 -3.53
C GLN A 111 -3.85 2.36 -2.96
N PHE A 112 -2.72 1.68 -2.84
CA PHE A 112 -1.53 2.23 -2.21
C PHE A 112 -0.31 1.61 -2.88
N PHE A 113 0.86 2.10 -2.49
CA PHE A 113 2.09 1.54 -3.04
C PHE A 113 3.22 1.73 -2.05
N ILE A 114 4.18 0.83 -2.13
CA ILE A 114 5.42 0.87 -1.35
C ILE A 114 6.55 1.12 -2.31
N CYS A 115 7.30 2.20 -2.09
CA CYS A 115 8.38 2.59 -2.98
C CYS A 115 9.59 1.69 -2.75
N THR A 116 10.30 1.40 -3.84
CA THR A 116 11.58 0.72 -3.76
C THR A 116 12.74 1.62 -4.15
N ILE A 117 12.46 2.90 -4.44
CA ILE A 117 13.47 3.94 -4.60
C ILE A 117 12.88 5.23 -4.06
N LYS A 118 13.66 6.31 -4.11
CA LYS A 118 13.18 7.65 -3.79
C LYS A 118 12.35 8.15 -4.96
N THR A 119 11.03 8.31 -4.75
CA THR A 119 10.16 8.81 -5.81
C THR A 119 9.70 10.23 -5.50
N ASP A 120 10.66 11.15 -5.38
CA ASP A 120 10.31 12.48 -4.91
C ASP A 120 9.60 13.31 -5.96
N TRP A 121 9.58 12.88 -7.22
CA TRP A 121 8.74 13.54 -8.21
C TRP A 121 7.26 13.34 -7.94
N LEU A 122 6.89 12.48 -7.00
CA LEU A 122 5.49 12.33 -6.59
C LEU A 122 5.12 13.23 -5.42
N ASP A 123 6.09 13.92 -4.82
CA ASP A 123 5.82 14.82 -3.71
C ASP A 123 4.77 15.86 -4.13
N GLY A 124 3.77 16.06 -3.27
CA GLY A 124 2.74 17.03 -3.54
C GLY A 124 1.61 16.54 -4.40
N LYS A 125 1.70 15.31 -4.91
CA LYS A 125 0.62 14.69 -5.68
C LYS A 125 0.10 13.40 -5.06
N HIS A 126 0.90 12.67 -4.31
CA HIS A 126 0.46 11.48 -3.61
C HIS A 126 0.73 11.63 -2.12
N VAL A 127 -0.25 11.24 -1.31
CA VAL A 127 -0.19 11.42 0.13
C VAL A 127 0.62 10.27 0.75
N VAL A 128 1.77 10.61 1.32
CA VAL A 128 2.57 9.65 2.05
C VAL A 128 2.04 9.53 3.46
N PHE A 129 1.90 8.30 3.96
CA PHE A 129 1.26 8.11 5.26
C PHE A 129 1.91 7.01 6.09
N GLY A 130 3.11 6.56 5.75
CA GLY A 130 3.78 5.55 6.54
C GLY A 130 5.05 5.06 5.87
N HIS A 131 5.66 4.06 6.50
CA HIS A 131 6.88 3.47 5.96
C HIS A 131 7.06 2.06 6.50
N VAL A 132 7.91 1.29 5.82
CA VAL A 132 8.20 -0.09 6.18
C VAL A 132 9.06 -0.12 7.44
N ILE A 133 8.53 -0.74 8.50
CA ILE A 133 9.30 -0.92 9.72
C ILE A 133 10.20 -2.16 9.62
N GLU A 134 9.67 -3.22 9.02
CA GLU A 134 10.38 -4.49 8.88
C GLU A 134 9.89 -5.13 7.59
N GLY A 135 10.75 -5.89 6.94
CA GLY A 135 10.36 -6.63 5.75
C GLY A 135 10.61 -5.95 4.44
N MET A 136 11.53 -4.98 4.38
CA MET A 136 12.01 -4.48 3.09
C MET A 136 12.52 -5.60 2.20
N ASP A 137 13.09 -6.65 2.78
CA ASP A 137 13.52 -7.80 2.01
C ASP A 137 12.32 -8.50 1.37
N VAL A 138 11.19 -8.53 2.08
CA VAL A 138 9.97 -9.06 1.49
C VAL A 138 9.54 -8.20 0.30
N VAL A 139 9.63 -6.87 0.46
CA VAL A 139 9.25 -5.96 -0.62
C VAL A 139 10.16 -6.18 -1.84
N LYS A 140 11.44 -6.47 -1.60
CA LYS A 140 12.33 -6.77 -2.72
C LYS A 140 11.93 -8.08 -3.41
N LYS A 141 11.43 -9.05 -2.66
CA LYS A 141 10.94 -10.27 -3.30
C LYS A 141 9.77 -9.97 -4.23
N ILE A 142 8.79 -9.22 -3.73
CA ILE A 142 7.66 -8.79 -4.57
C ILE A 142 8.18 -8.08 -5.82
N GLU A 143 9.10 -7.15 -5.62
CA GLU A 143 9.67 -6.38 -6.72
C GLU A 143 10.23 -7.30 -7.79
N SER A 144 10.96 -8.33 -7.38
CA SER A 144 11.62 -9.24 -8.32
C SER A 144 10.63 -9.96 -9.23
N PHE A 145 9.37 -10.05 -8.84
CA PHE A 145 8.36 -10.68 -9.68
C PHE A 145 7.66 -9.69 -10.58
N GLY A 146 8.09 -8.43 -10.60
CA GLY A 146 7.50 -7.42 -11.45
C GLY A 146 8.21 -7.30 -12.78
N SER A 147 7.86 -6.24 -13.51
CA SER A 147 8.48 -5.92 -14.79
C SER A 147 8.27 -4.44 -15.04
N LYS A 148 9.02 -3.91 -16.01
CA LYS A 148 8.92 -2.49 -16.32
C LYS A 148 7.52 -2.10 -16.78
N SER A 149 6.77 -3.05 -17.32
CA SER A 149 5.38 -2.82 -17.73
C SER A 149 4.40 -2.86 -16.56
N GLY A 150 4.84 -3.29 -15.37
CA GLY A 150 3.96 -3.42 -14.25
C GLY A 150 3.34 -4.79 -14.07
N ARG A 151 3.31 -5.61 -15.13
CA ARG A 151 2.81 -6.96 -15.01
C ARG A 151 3.72 -7.81 -14.15
N THR A 152 3.12 -8.66 -13.33
CA THR A 152 3.84 -9.60 -12.49
C THR A 152 3.90 -10.96 -13.16
N SER A 153 4.99 -11.67 -12.94
CA SER A 153 5.17 -13.01 -13.49
C SER A 153 4.63 -14.09 -12.57
N LYS A 154 4.15 -13.71 -11.39
CA LYS A 154 3.43 -14.58 -10.48
C LYS A 154 2.32 -13.75 -9.85
N LYS A 155 1.26 -14.43 -9.41
CA LYS A 155 0.18 -13.73 -8.70
C LYS A 155 0.63 -13.42 -7.28
N ILE A 156 0.75 -12.14 -6.96
CA ILE A 156 1.23 -11.68 -5.67
C ILE A 156 0.02 -11.31 -4.82
N VAL A 157 -0.23 -12.05 -3.74
CA VAL A 157 -1.46 -11.93 -2.98
C VAL A 157 -1.15 -11.61 -1.52
N ILE A 158 -1.94 -10.69 -0.95
CA ILE A 158 -1.96 -10.45 0.49
C ILE A 158 -2.83 -11.54 1.13
N THR A 159 -2.20 -12.63 1.56
CA THR A 159 -2.95 -13.73 2.17
C THR A 159 -3.57 -13.32 3.49
N ASP A 160 -2.87 -12.48 4.25
CA ASP A 160 -3.40 -12.01 5.52
C ASP A 160 -2.83 -10.63 5.81
N CYS A 161 -3.52 -9.89 6.66
CA CYS A 161 -3.09 -8.57 7.09
C CYS A 161 -3.78 -8.28 8.41
N GLY A 162 -3.24 -7.32 9.15
CA GLY A 162 -3.85 -6.99 10.42
C GLY A 162 -3.06 -5.92 11.15
N GLN A 163 -3.37 -5.75 12.43
CA GLN A 163 -2.74 -4.74 13.28
C GLN A 163 -1.96 -5.41 14.40
N LEU A 164 -0.70 -4.99 14.57
CA LEU A 164 0.16 -5.49 15.64
C LEU A 164 0.04 -4.72 16.94
N SER A 165 -0.18 -3.41 16.85
CA SER A 165 -0.33 -2.53 18.01
C SER A 165 -0.76 -1.14 17.53
#